data_6RWD
#
_entry.id   6RWD
#
_cell.length_a   56.440
_cell.length_b   89.260
_cell.length_c   91.720
_cell.angle_alpha   90.00
_cell.angle_beta   90.00
_cell.angle_gamma   90.00
#
_symmetry.space_group_name_H-M   'P 21 21 21'
#
loop_
_entity.id
_entity.type
_entity.pdbx_description
1 polymer 'Glutathione S-transferase class-mu 26 kDa isozyme'
2 non-polymer GLUTATHIONE
3 non-polymer 'SODIUM ION'
4 non-polymer 'CHLORIDE ION'
5 non-polymer 2,3,7,8-tetrahydroxychromeno[5,4,3-cde]chromene-5,10-dione
6 water water
#
_entity_poly.entity_id   1
_entity_poly.type   'polypeptide(L)'
_entity_poly.pdbx_seq_one_letter_code
;MSPILGYWKIKGLVQPTRLLLEYLEEKYEEHLYERDEGDKWRNKKFELGLEFPNLPYYIDGDVKLTQSMAIIRYIADKHN
MLGGCPKERAEISMLEGAVLDIRYGVSRIAYSKDFETLKVDFLSKLPEMLKMFEDRLCHKTYLNGDHVTHPDFMLYDALD
VVLYMDPMCLDAFPKLVCFKKRIEAIPQIDKYLKSSKYIAWPLQGWQATFGGGDHPPK
;
_entity_poly.pdbx_strand_id   A,B
#
loop_
_chem_comp.id
_chem_comp.type
_chem_comp.name
_chem_comp.formula
CL non-polymer 'CHLORIDE ION' 'Cl -1'
GSH non-polymer GLUTATHIONE 'C10 H17 N3 O6 S'
NA non-polymer 'SODIUM ION' 'Na 1'
REF non-polymer 2,3,7,8-tetrahydroxychromeno[5,4,3-cde]chromene-5,10-dione 'C14 H6 O8'
#
# COMPACT_ATOMS: atom_id res chain seq x y z
N SER A 2 4.57 -20.74 18.81
CA SER A 2 5.40 -19.90 17.95
C SER A 2 4.59 -19.42 16.74
N PRO A 3 4.79 -18.16 16.35
CA PRO A 3 4.06 -17.63 15.19
C PRO A 3 4.34 -18.42 13.92
N ILE A 4 3.33 -18.48 13.06
CA ILE A 4 3.42 -19.12 11.75
C ILE A 4 3.29 -18.05 10.69
N LEU A 5 4.24 -18.05 9.77
CA LEU A 5 4.20 -17.15 8.60
C LEU A 5 3.98 -18.03 7.37
N GLY A 6 2.88 -17.79 6.65
CA GLY A 6 2.58 -18.61 5.46
C GLY A 6 2.73 -17.82 4.18
N TYR A 7 3.44 -18.39 3.22
CA TYR A 7 3.63 -17.71 1.91
C TYR A 7 4.16 -18.74 0.91
N TRP A 8 4.24 -18.33 -0.34
CA TRP A 8 4.95 -19.09 -1.37
C TRP A 8 6.44 -19.12 -1.07
N LYS A 9 7.11 -20.14 -1.60
CA LYS A 9 8.59 -20.26 -1.46
C LYS A 9 9.27 -19.35 -2.49
N ILE A 10 9.00 -18.05 -2.36
CA ILE A 10 9.56 -16.98 -3.21
C ILE A 10 9.92 -15.79 -2.31
N LYS A 11 10.69 -14.83 -2.82
CA LYS A 11 10.92 -13.59 -2.05
C LYS A 11 9.58 -12.84 -1.98
N GLY A 12 9.17 -12.28 -3.11
CA GLY A 12 7.83 -11.71 -3.20
C GLY A 12 7.53 -10.68 -2.12
N LEU A 13 6.28 -10.66 -1.69
CA LEU A 13 5.76 -9.65 -0.73
C LEU A 13 6.29 -9.84 0.69
N VAL A 14 6.82 -11.01 1.01
CA VAL A 14 7.15 -11.29 2.43
C VAL A 14 8.64 -11.21 2.73
N GLN A 15 9.51 -10.95 1.76
CA GLN A 15 10.96 -10.93 2.07
C GLN A 15 11.32 -9.89 3.15
N PRO A 16 10.83 -8.64 3.11
CA PRO A 16 11.16 -7.70 4.19
C PRO A 16 10.70 -8.18 5.58
N THR A 17 9.56 -8.85 5.64
CA THR A 17 9.09 -9.39 6.92
C THR A 17 10.05 -10.46 7.44
N ARG A 18 10.52 -11.34 6.56
CA ARG A 18 11.51 -12.34 6.97
C ARG A 18 12.75 -11.68 7.50
N LEU A 19 13.24 -10.64 6.80
CA LEU A 19 14.43 -9.95 7.26
C LEU A 19 14.20 -9.30 8.63
N LEU A 20 13.03 -8.69 8.82
CA LEU A 20 12.71 -8.08 10.11
C LEU A 20 12.68 -9.14 11.23
N LEU A 21 12.04 -10.27 10.98
CA LEU A 21 11.98 -11.31 12.02
C LEU A 21 13.38 -11.82 12.36
N GLU A 22 14.24 -11.97 11.36
CA GLU A 22 15.61 -12.41 11.62
C GLU A 22 16.41 -11.34 12.34
N TYR A 23 16.25 -10.08 11.95
CA TYR A 23 16.89 -8.99 12.67
C TYR A 23 16.51 -8.99 14.16
N LEU A 24 15.23 -9.24 14.46
CA LEU A 24 14.74 -9.25 15.84
C LEU A 24 15.03 -10.55 16.57
N GLU A 25 15.62 -11.55 15.88
CA GLU A 25 15.91 -12.86 16.47
C GLU A 25 14.67 -13.50 17.09
N GLU A 26 13.55 -13.33 16.39
CA GLU A 26 12.28 -13.89 16.83
C GLU A 26 12.13 -15.32 16.34
N LYS A 27 11.53 -16.13 17.18
CA LYS A 27 11.24 -17.53 16.82
C LYS A 27 9.95 -17.54 16.00
N TYR A 28 10.00 -18.13 14.82
CA TYR A 28 8.79 -18.21 13.99
C TYR A 28 8.93 -19.44 13.10
N GLU A 29 7.81 -19.95 12.67
CA GLU A 29 7.79 -21.11 11.77
C GLU A 29 7.30 -20.61 10.43
N GLU A 30 8.02 -20.89 9.35
CA GLU A 30 7.54 -20.51 8.03
C GLU A 30 6.97 -21.72 7.34
N HIS A 31 5.71 -21.62 6.94
CA HIS A 31 5.05 -22.68 6.18
C HIS A 31 4.95 -22.24 4.74
N LEU A 32 5.76 -22.85 3.88
CA LEU A 32 5.89 -22.39 2.52
C LEU A 32 5.13 -23.31 1.59
N TYR A 33 4.60 -22.71 0.53
CA TYR A 33 3.92 -23.44 -0.54
C TYR A 33 4.84 -23.44 -1.75
N GLU A 34 5.19 -24.62 -2.23
CA GLU A 34 6.11 -24.75 -3.35
C GLU A 34 5.37 -24.53 -4.68
N ARG A 35 6.14 -24.47 -5.75
CA ARG A 35 5.61 -24.17 -7.09
C ARG A 35 4.41 -25.05 -7.47
N ASP A 36 4.44 -26.31 -7.10
CA ASP A 36 3.31 -27.18 -7.49
C ASP A 36 2.35 -27.41 -6.32
N GLU A 37 2.28 -26.49 -5.35
CA GLU A 37 1.41 -26.72 -4.17
C GLU A 37 0.24 -25.74 -4.11
N GLY A 38 -0.21 -25.24 -5.24
CA GLY A 38 -1.38 -24.34 -5.23
C GLY A 38 -2.61 -25.05 -4.71
N ASP A 39 -2.70 -26.36 -4.93
CA ASP A 39 -3.86 -27.14 -4.45
C ASP A 39 -3.82 -27.23 -2.94
N LYS A 40 -2.62 -27.34 -2.38
CA LYS A 40 -2.41 -27.42 -0.92
C LYS A 40 -2.91 -26.11 -0.31
N TRP A 41 -2.56 -24.99 -0.91
CA TRP A 41 -3.02 -23.68 -0.40
C TRP A 41 -4.53 -23.58 -0.53
N ARG A 42 -5.10 -23.93 -1.67
CA ARG A 42 -6.56 -23.80 -1.87
C ARG A 42 -7.33 -24.67 -0.88
N ASN A 43 -6.70 -25.77 -0.45
CA ASN A 43 -7.38 -26.70 0.49
C ASN A 43 -7.34 -26.15 1.92
N LYS A 44 -6.51 -25.16 2.22
CA LYS A 44 -6.57 -24.67 3.61
C LYS A 44 -6.89 -23.17 3.66
N LYS A 45 -6.92 -22.50 2.53
CA LYS A 45 -7.18 -21.06 2.48
C LYS A 45 -8.33 -20.63 3.37
N PHE A 46 -9.43 -21.36 3.34
CA PHE A 46 -10.62 -20.98 4.10
C PHE A 46 -10.79 -21.77 5.39
N GLU A 47 -9.78 -22.55 5.79
CA GLU A 47 -9.84 -23.34 7.00
C GLU A 47 -8.84 -22.88 8.06
N LEU A 48 -8.38 -21.63 7.96
CA LEU A 48 -7.38 -21.13 8.90
C LEU A 48 -7.92 -20.07 9.84
N GLY A 49 -9.20 -19.71 9.73
CA GLY A 49 -9.74 -18.65 10.56
C GLY A 49 -9.43 -17.25 10.10
N LEU A 50 -8.90 -17.09 8.88
CA LEU A 50 -8.54 -15.77 8.38
C LEU A 50 -9.78 -15.04 7.90
N GLU A 51 -9.92 -13.79 8.30
CA GLU A 51 -11.09 -12.98 7.89
C GLU A 51 -10.96 -12.53 6.43
N PHE A 52 -9.75 -12.31 5.97
CA PHE A 52 -9.46 -11.89 4.59
C PHE A 52 -8.43 -12.86 4.04
N PRO A 53 -8.81 -14.13 3.79
CA PRO A 53 -7.87 -15.17 3.41
C PRO A 53 -7.00 -14.75 2.22
N ASN A 54 -5.71 -14.93 2.37
CA ASN A 54 -4.70 -14.53 1.36
C ASN A 54 -3.32 -15.03 1.78
N LEU A 55 -2.34 -14.80 0.92
CA LEU A 55 -0.92 -15.09 1.19
C LEU A 55 -0.18 -13.77 1.01
N PRO A 56 0.66 -13.33 1.96
CA PRO A 56 0.96 -14.09 3.17
C PRO A 56 -0.07 -14.03 4.31
N TYR A 57 0.03 -14.97 5.25
CA TYR A 57 -0.79 -14.97 6.48
C TYR A 57 0.22 -15.07 7.62
N TYR A 58 -0.21 -14.58 8.77
CA TYR A 58 0.61 -14.63 9.98
C TYR A 58 -0.32 -14.98 11.12
N ILE A 59 -0.05 -16.08 11.81
CA ILE A 59 -0.94 -16.55 12.87
C ILE A 59 -0.12 -16.72 14.13
N ASP A 60 -0.58 -16.08 15.20
CA ASP A 60 0.02 -16.28 16.54
C ASP A 60 -1.09 -16.44 17.59
N GLY A 61 -0.73 -16.41 18.86
CA GLY A 61 -1.78 -16.63 19.87
C GLY A 61 -2.78 -15.50 19.95
N ASP A 62 -2.45 -14.33 19.43
CA ASP A 62 -3.37 -13.18 19.54
C ASP A 62 -4.02 -12.83 18.20
N VAL A 63 -3.29 -12.96 17.09
CA VAL A 63 -3.86 -12.50 15.80
C VAL A 63 -3.79 -13.57 14.72
N LYS A 64 -4.68 -13.43 13.76
CA LYS A 64 -4.71 -14.20 12.50
C LYS A 64 -4.78 -13.08 11.44
N LEU A 65 -3.66 -12.82 10.81
CA LEU A 65 -3.57 -11.66 9.94
C LEU A 65 -3.29 -12.07 8.51
N THR A 66 -3.78 -11.27 7.57
CA THR A 66 -3.26 -11.23 6.21
C THR A 66 -2.93 -9.78 5.88
N GLN A 67 -2.49 -9.56 4.64
CA GLN A 67 -1.98 -8.32 4.08
C GLN A 67 -0.54 -8.11 4.53
N SER A 68 0.38 -8.21 3.57
CA SER A 68 1.81 -8.18 3.87
C SER A 68 2.19 -6.93 4.68
N MET A 69 1.58 -5.78 4.40
CA MET A 69 1.95 -4.60 5.17
C MET A 69 1.38 -4.62 6.58
N ALA A 70 0.19 -5.21 6.78
CA ALA A 70 -0.32 -5.35 8.14
C ALA A 70 0.59 -6.26 8.97
N ILE A 71 1.09 -7.31 8.34
CA ILE A 71 1.95 -8.28 9.04
C ILE A 71 3.26 -7.63 9.47
N ILE A 72 3.93 -6.96 8.53
CA ILE A 72 5.25 -6.34 8.90
C ILE A 72 5.03 -5.26 9.97
N ARG A 73 3.94 -4.51 9.90
CA ARG A 73 3.67 -3.43 10.86
C ARG A 73 3.37 -4.03 12.23
N TYR A 74 2.67 -5.14 12.24
CA TYR A 74 2.34 -5.81 13.53
C TYR A 74 3.64 -6.28 14.21
N ILE A 75 4.53 -6.92 13.46
CA ILE A 75 5.77 -7.38 14.07
C ILE A 75 6.58 -6.20 14.59
N ALA A 76 6.69 -5.14 13.79
CA ALA A 76 7.37 -3.94 14.27
C ALA A 76 6.67 -3.36 15.50
N ASP A 77 5.34 -3.30 15.49
CA ASP A 77 4.53 -2.70 16.59
C ASP A 77 4.69 -3.51 17.87
N LYS A 78 4.84 -4.82 17.76
CA LYS A 78 5.06 -5.70 18.94
C LYS A 78 6.42 -5.41 19.59
N HIS A 79 7.37 -4.86 18.85
CA HIS A 79 8.71 -4.48 19.33
C HIS A 79 8.85 -2.96 19.46
N ASN A 80 7.73 -2.22 19.47
CA ASN A 80 7.76 -0.77 19.72
C ASN A 80 8.59 -0.03 18.68
N MET A 81 8.46 -0.42 17.41
CA MET A 81 9.27 0.14 16.34
C MET A 81 8.48 0.99 15.34
N LEU A 82 7.17 1.15 15.52
CA LEU A 82 6.38 1.91 14.55
C LEU A 82 6.54 3.42 14.66
N GLY A 83 7.08 3.95 15.76
CA GLY A 83 7.22 5.38 15.92
C GLY A 83 6.61 5.87 17.23
N GLY A 84 7.26 6.85 17.85
CA GLY A 84 6.89 7.32 19.20
C GLY A 84 5.80 8.38 19.25
N CYS A 85 5.52 9.02 18.14
CA CYS A 85 4.45 10.04 18.09
C CYS A 85 3.83 10.05 16.69
N PRO A 86 2.67 10.69 16.48
CA PRO A 86 2.08 10.76 15.15
C PRO A 86 3.08 11.22 14.08
N LYS A 87 3.93 12.18 14.41
CA LYS A 87 4.92 12.73 13.44
C LYS A 87 5.90 11.63 13.00
N GLU A 88 6.43 10.85 13.94
CA GLU A 88 7.41 9.82 13.62
C GLU A 88 6.73 8.62 12.97
N ARG A 89 5.53 8.28 13.42
CA ARG A 89 4.79 7.20 12.79
C ARG A 89 4.45 7.53 11.35
N ALA A 90 4.16 8.81 11.08
CA ALA A 90 3.85 9.21 9.70
C ALA A 90 5.08 9.22 8.82
N GLU A 91 6.24 9.60 9.37
CA GLU A 91 7.46 9.54 8.57
C GLU A 91 7.79 8.10 8.21
N ILE A 92 7.57 7.19 9.13
CA ILE A 92 7.82 5.75 8.83
C ILE A 92 6.83 5.28 7.77
N SER A 93 5.59 5.73 7.84
CA SER A 93 4.58 5.33 6.83
C SER A 93 4.94 5.94 5.46
N MET A 94 5.50 7.14 5.46
CA MET A 94 5.89 7.81 4.21
C MET A 94 7.05 7.04 3.59
N LEU A 95 8.03 6.62 4.40
CA LEU A 95 9.12 5.80 3.89
C LEU A 95 8.61 4.49 3.31
N GLU A 96 7.68 3.84 4.03
CA GLU A 96 7.00 2.63 3.53
C GLU A 96 6.48 2.85 2.13
N GLY A 97 5.66 3.90 1.97
CA GLY A 97 4.99 4.11 0.70
C GLY A 97 5.96 4.45 -0.41
N ALA A 98 7.02 5.20 -0.08
CA ALA A 98 8.01 5.49 -1.10
C ALA A 98 8.74 4.23 -1.55
N VAL A 99 8.98 3.27 -0.63
CA VAL A 99 9.60 2.01 -1.06
C VAL A 99 8.63 1.23 -1.92
N LEU A 100 7.35 1.21 -1.53
CA LEU A 100 6.36 0.43 -2.28
C LEU A 100 6.22 0.94 -3.71
N ASP A 101 6.41 2.25 -3.91
CA ASP A 101 6.41 2.78 -5.28
C ASP A 101 7.43 2.06 -6.14
N ILE A 102 8.61 1.75 -5.57
CA ILE A 102 9.63 1.03 -6.32
C ILE A 102 9.24 -0.45 -6.46
N ARG A 103 8.89 -1.08 -5.35
CA ARG A 103 8.69 -2.54 -5.36
C ARG A 103 7.50 -2.91 -6.21
N TYR A 104 6.41 -2.15 -6.12
CA TYR A 104 5.26 -2.43 -6.99
C TYR A 104 5.54 -2.00 -8.43
N GLY A 105 6.40 -1.01 -8.64
CA GLY A 105 6.80 -0.68 -10.00
C GLY A 105 7.37 -1.89 -10.72
N VAL A 106 8.11 -2.72 -9.99
CA VAL A 106 8.64 -3.96 -10.54
C VAL A 106 7.54 -4.98 -10.75
N SER A 107 6.74 -5.24 -9.70
N SER A 107 6.74 -5.26 -9.71
CA SER A 107 5.76 -6.32 -9.79
CA SER A 107 5.78 -6.35 -9.82
C SER A 107 4.70 -6.04 -10.84
C SER A 107 4.66 -6.04 -10.81
N ARG A 108 4.37 -4.76 -11.05
CA ARG A 108 3.35 -4.41 -12.05
C ARG A 108 3.74 -4.85 -13.45
N ILE A 109 5.03 -4.95 -13.74
CA ILE A 109 5.49 -5.29 -15.08
C ILE A 109 6.14 -6.66 -15.18
N ALA A 110 6.40 -7.33 -14.05
CA ALA A 110 7.24 -8.52 -14.08
C ALA A 110 6.56 -9.73 -14.69
N TYR A 111 5.23 -9.75 -14.75
CA TYR A 111 4.48 -10.88 -15.29
C TYR A 111 4.09 -10.67 -16.75
N SER A 112 4.36 -9.50 -17.30
CA SER A 112 3.97 -9.19 -18.67
C SER A 112 4.94 -9.84 -19.66
N LYS A 113 4.39 -10.36 -20.74
CA LYS A 113 5.25 -10.90 -21.78
C LYS A 113 6.02 -9.78 -22.49
N ASP A 114 5.54 -8.55 -22.43
CA ASP A 114 6.25 -7.37 -22.91
C ASP A 114 7.18 -6.76 -21.87
N PHE A 115 7.64 -7.55 -20.90
CA PHE A 115 8.50 -7.01 -19.85
C PHE A 115 9.72 -6.29 -20.41
N GLU A 116 10.34 -6.83 -21.47
CA GLU A 116 11.58 -6.24 -21.94
C GLU A 116 11.41 -4.79 -22.39
N THR A 117 10.22 -4.47 -22.89
CA THR A 117 9.89 -3.09 -23.35
C THR A 117 9.43 -2.24 -22.15
N LEU A 118 8.60 -2.81 -21.27
CA LEU A 118 8.09 -2.08 -20.09
C LEU A 118 9.24 -1.74 -19.14
N LYS A 119 10.25 -2.61 -19.06
CA LYS A 119 11.41 -2.40 -18.17
C LYS A 119 12.03 -1.04 -18.46
N VAL A 120 12.15 -0.71 -19.65
CA VAL A 120 12.87 0.51 -20.03
C VAL A 120 12.24 1.73 -19.38
N ASP A 121 10.91 1.81 -19.40
CA ASP A 121 10.23 2.93 -18.76
C ASP A 121 10.43 2.92 -17.24
N PHE A 122 10.34 1.76 -16.62
CA PHE A 122 10.55 1.70 -15.17
C PHE A 122 11.96 2.16 -14.81
N LEU A 123 12.96 1.67 -15.55
CA LEU A 123 14.34 2.04 -15.24
C LEU A 123 14.61 3.51 -15.53
N SER A 124 13.78 4.13 -16.36
CA SER A 124 13.91 5.55 -16.61
C SER A 124 13.41 6.37 -15.43
N LYS A 125 12.31 5.92 -14.80
CA LYS A 125 11.72 6.57 -13.63
C LYS A 125 12.51 6.28 -12.36
N LEU A 126 13.24 5.18 -12.35
CA LEU A 126 13.88 4.72 -11.12
C LEU A 126 14.87 5.73 -10.55
N PRO A 127 15.76 6.36 -11.33
CA PRO A 127 16.74 7.27 -10.71
C PRO A 127 16.11 8.35 -9.86
N GLU A 128 15.02 8.96 -10.29
CA GLU A 128 14.47 10.04 -9.46
C GLU A 128 13.83 9.50 -8.19
N MET A 129 13.38 8.24 -8.19
CA MET A 129 12.91 7.63 -6.95
C MET A 129 14.08 7.31 -6.03
N LEU A 130 15.14 6.71 -6.58
CA LEU A 130 16.32 6.40 -5.77
C LEU A 130 16.98 7.65 -5.23
N LYS A 131 16.94 8.73 -5.99
CA LYS A 131 17.58 9.99 -5.54
C LYS A 131 16.99 10.45 -4.21
N MET A 132 15.69 10.26 -4.00
CA MET A 132 15.07 10.72 -2.74
C MET A 132 15.63 9.89 -1.57
N PHE A 133 15.88 8.62 -1.77
CA PHE A 133 16.45 7.77 -0.71
C PHE A 133 17.92 8.14 -0.49
N GLU A 134 18.65 8.39 -1.57
CA GLU A 134 20.08 8.78 -1.45
C GLU A 134 20.16 10.06 -0.64
N ASP A 135 19.30 11.03 -0.91
CA ASP A 135 19.30 12.27 -0.13
C ASP A 135 18.96 12.01 1.33
N ARG A 136 17.97 11.16 1.58
CA ARG A 136 17.57 10.85 2.97
C ARG A 136 18.75 10.23 3.74
N LEU A 137 19.54 9.40 3.11
CA LEU A 137 20.67 8.72 3.78
C LEU A 137 21.87 9.65 3.89
N CYS A 138 21.76 10.86 3.37
CA CYS A 138 22.93 11.76 3.47
C CYS A 138 22.99 12.29 4.89
N HIS A 139 21.85 12.43 5.54
CA HIS A 139 21.84 13.01 6.90
C HIS A 139 21.43 11.97 7.95
N LYS A 140 21.01 10.78 7.55
CA LYS A 140 20.58 9.77 8.54
C LYS A 140 21.27 8.44 8.25
N THR A 141 21.56 7.68 9.29
CA THR A 141 22.25 6.40 9.14
C THR A 141 21.36 5.37 8.47
N TYR A 142 20.17 5.24 9.04
CA TYR A 142 19.11 4.40 8.46
C TYR A 142 18.01 5.34 7.97
N LEU A 143 16.93 4.79 7.45
CA LEU A 143 15.95 5.68 6.83
C LEU A 143 15.27 6.57 7.87
N ASN A 144 15.15 6.09 9.10
CA ASN A 144 14.54 6.88 10.17
C ASN A 144 15.56 7.38 11.18
N GLY A 145 16.85 7.22 10.89
CA GLY A 145 17.88 7.75 11.76
C GLY A 145 18.86 6.69 12.22
N ASP A 146 19.18 6.72 13.52
CA ASP A 146 20.24 5.87 14.05
C ASP A 146 19.84 4.40 14.15
N HIS A 147 18.55 4.11 14.29
CA HIS A 147 18.08 2.76 14.54
C HIS A 147 17.33 2.22 13.34
N VAL A 148 17.45 0.91 13.14
CA VAL A 148 16.75 0.22 12.05
C VAL A 148 15.25 0.26 12.28
N THR A 149 14.51 0.49 11.20
CA THR A 149 13.04 0.38 11.17
C THR A 149 12.65 -0.57 10.02
N HIS A 150 11.39 -0.97 9.98
CA HIS A 150 10.94 -1.93 8.95
C HIS A 150 11.10 -1.38 7.54
N PRO A 151 10.98 -0.08 7.24
CA PRO A 151 11.23 0.44 5.89
C PRO A 151 12.65 0.19 5.37
N ASP A 152 13.61 0.09 6.28
CA ASP A 152 15.01 -0.27 5.92
C ASP A 152 15.02 -1.65 5.26
N PHE A 153 14.28 -2.62 5.81
CA PHE A 153 14.33 -3.93 5.17
C PHE A 153 13.51 -3.95 3.90
N MET A 154 12.44 -3.14 3.85
CA MET A 154 11.72 -2.96 2.60
C MET A 154 12.62 -2.36 1.52
N LEU A 155 13.40 -1.34 1.87
CA LEU A 155 14.29 -0.76 0.88
C LEU A 155 15.37 -1.75 0.45
N TYR A 156 15.98 -2.44 1.40
CA TYR A 156 16.94 -3.49 1.06
C TYR A 156 16.36 -4.45 0.03
N ASP A 157 15.15 -4.95 0.27
CA ASP A 157 14.52 -5.88 -0.67
C ASP A 157 14.37 -5.25 -2.05
N ALA A 158 13.94 -3.97 -2.09
CA ALA A 158 13.74 -3.33 -3.38
C ALA A 158 15.06 -3.15 -4.12
N LEU A 159 16.14 -2.80 -3.41
CA LEU A 159 17.44 -2.67 -4.07
C LEU A 159 17.94 -4.00 -4.61
N ASP A 160 17.81 -5.08 -3.82
CA ASP A 160 18.17 -6.40 -4.28
C ASP A 160 17.44 -6.73 -5.58
N VAL A 161 16.16 -6.38 -5.67
CA VAL A 161 15.37 -6.75 -6.84
C VAL A 161 15.75 -5.89 -8.06
N VAL A 162 15.89 -4.57 -7.91
CA VAL A 162 16.19 -3.77 -9.09
C VAL A 162 17.61 -4.06 -9.59
N LEU A 163 18.51 -4.50 -8.71
CA LEU A 163 19.85 -4.86 -9.18
C LEU A 163 19.83 -6.08 -10.08
N TYR A 164 18.88 -7.01 -9.87
CA TYR A 164 18.72 -8.08 -10.85
C TYR A 164 18.17 -7.55 -12.16
N MET A 165 17.37 -6.49 -12.11
CA MET A 165 16.87 -5.93 -13.35
C MET A 165 17.94 -5.15 -14.12
N ASP A 166 18.81 -4.45 -13.39
CA ASP A 166 19.89 -3.67 -14.00
C ASP A 166 21.04 -3.60 -13.00
N PRO A 167 22.09 -4.40 -13.19
CA PRO A 167 23.22 -4.41 -12.25
C PRO A 167 23.87 -3.05 -12.03
N MET A 168 23.73 -2.11 -12.95
CA MET A 168 24.38 -0.82 -12.83
C MET A 168 23.45 0.28 -12.31
N CYS A 169 22.24 -0.05 -11.89
CA CYS A 169 21.31 1.04 -11.59
C CYS A 169 21.65 1.79 -10.30
N LEU A 170 22.56 1.28 -9.46
CA LEU A 170 22.98 2.01 -8.27
C LEU A 170 24.35 2.67 -8.44
N ASP A 171 24.92 2.64 -9.64
CA ASP A 171 26.25 3.21 -9.82
C ASP A 171 26.28 4.70 -9.50
N ALA A 172 25.18 5.41 -9.75
CA ALA A 172 25.10 6.83 -9.45
C ALA A 172 24.67 7.13 -8.02
N PHE A 173 24.47 6.09 -7.22
CA PHE A 173 23.97 6.28 -5.83
C PHE A 173 24.86 5.57 -4.83
N PRO A 174 26.03 6.13 -4.49
CA PRO A 174 26.93 5.49 -3.55
C PRO A 174 26.34 5.26 -2.16
N LYS A 175 25.48 6.15 -1.69
CA LYS A 175 24.90 5.94 -0.35
C LYS A 175 23.98 4.73 -0.36
N LEU A 176 23.34 4.45 -1.48
CA LEU A 176 22.43 3.28 -1.53
C LEU A 176 23.27 2.02 -1.63
N VAL A 177 24.37 2.08 -2.36
CA VAL A 177 25.27 0.94 -2.39
C VAL A 177 25.81 0.64 -1.00
N CYS A 178 26.17 1.69 -0.25
CA CYS A 178 26.61 1.53 1.14
C CYS A 178 25.49 0.96 1.99
N PHE A 179 24.29 1.52 1.86
CA PHE A 179 23.14 1.05 2.64
C PHE A 179 22.92 -0.44 2.44
N LYS A 180 22.97 -0.92 1.20
CA LYS A 180 22.74 -2.35 0.96
C LYS A 180 23.78 -3.21 1.66
N LYS A 181 25.05 -2.79 1.63
CA LYS A 181 26.09 -3.58 2.27
C LYS A 181 25.98 -3.50 3.79
N ARG A 182 25.50 -2.37 4.30
CA ARG A 182 25.34 -2.19 5.76
C ARG A 182 24.27 -3.17 6.27
N ILE A 183 23.17 -3.32 5.55
CA ILE A 183 22.13 -4.27 5.99
C ILE A 183 22.70 -5.68 6.01
N GLU A 184 23.42 -6.05 4.96
CA GLU A 184 24.05 -7.36 4.85
C GLU A 184 25.10 -7.59 5.92
N ALA A 185 25.62 -6.52 6.51
CA ALA A 185 26.61 -6.68 7.55
C ALA A 185 26.00 -6.86 8.94
N ILE A 186 24.71 -6.60 9.13
CA ILE A 186 24.05 -6.80 10.43
C ILE A 186 24.27 -8.27 10.73
N PRO A 187 24.88 -8.62 11.87
CA PRO A 187 25.24 -10.03 12.07
C PRO A 187 24.07 -10.99 11.90
N GLN A 188 22.88 -10.64 12.41
CA GLN A 188 21.72 -11.53 12.24
C GLN A 188 21.38 -11.73 10.77
N ILE A 189 21.52 -10.68 9.98
CA ILE A 189 21.21 -10.80 8.54
C ILE A 189 22.31 -11.61 7.84
N ASP A 190 23.56 -11.32 8.16
CA ASP A 190 24.65 -12.09 7.59
C ASP A 190 24.45 -13.60 7.79
N LYS A 191 24.06 -13.99 8.99
CA LYS A 191 23.86 -15.42 9.26
C LYS A 191 22.63 -15.94 8.52
N TYR A 192 21.56 -15.15 8.48
CA TYR A 192 20.35 -15.55 7.76
C TYR A 192 20.66 -15.86 6.29
N LEU A 193 21.42 -14.99 5.66
CA LEU A 193 21.73 -15.16 4.22
C LEU A 193 22.48 -16.46 3.92
N LYS A 194 23.21 -17.01 4.89
CA LYS A 194 23.91 -18.28 4.72
C LYS A 194 23.13 -19.48 5.24
N SER A 195 21.94 -19.27 5.80
CA SER A 195 21.15 -20.32 6.41
C SER A 195 20.31 -21.08 5.38
N SER A 196 19.74 -22.20 5.84
CA SER A 196 18.83 -22.99 5.02
C SER A 196 17.50 -22.27 4.78
N LYS A 197 17.18 -21.25 5.58
CA LYS A 197 15.91 -20.56 5.47
C LYS A 197 15.89 -19.51 4.36
N TYR A 198 17.05 -19.02 3.96
CA TYR A 198 17.11 -17.94 2.98
C TYR A 198 16.61 -18.42 1.62
N ILE A 199 15.69 -17.68 1.03
CA ILE A 199 15.21 -17.94 -0.33
C ILE A 199 15.87 -16.91 -1.24
N ALA A 200 16.78 -17.37 -2.10
CA ALA A 200 17.49 -16.42 -2.98
C ALA A 200 16.72 -16.20 -4.28
N TRP A 201 15.83 -17.11 -4.63
CA TRP A 201 15.11 -17.05 -5.92
C TRP A 201 13.90 -17.96 -5.82
N PRO A 202 12.76 -17.70 -6.50
CA PRO A 202 12.51 -16.51 -7.28
C PRO A 202 12.17 -15.20 -6.55
N LEU A 203 12.19 -14.11 -7.31
CA LEU A 203 11.87 -12.78 -6.77
C LEU A 203 10.36 -12.59 -6.79
N GLN A 204 9.72 -13.06 -7.86
CA GLN A 204 8.29 -12.97 -8.08
C GLN A 204 7.74 -14.39 -8.12
N GLY A 205 6.46 -14.54 -8.45
CA GLY A 205 5.95 -15.86 -8.73
C GLY A 205 6.74 -16.53 -9.83
N TRP A 206 6.78 -17.86 -9.81
CA TRP A 206 7.64 -18.61 -10.74
C TRP A 206 7.26 -18.36 -12.19
N GLN A 207 6.00 -17.99 -12.43
CA GLN A 207 5.48 -17.78 -13.81
C GLN A 207 5.77 -16.36 -14.32
N ALA A 208 6.54 -15.56 -13.57
CA ALA A 208 6.87 -14.21 -14.00
C ALA A 208 7.93 -14.22 -15.10
N THR A 209 7.81 -13.26 -16.02
CA THR A 209 8.83 -13.08 -17.04
C THR A 209 10.12 -12.55 -16.44
N PHE A 210 10.02 -11.61 -15.50
CA PHE A 210 11.17 -11.13 -14.74
C PHE A 210 11.12 -11.68 -13.34
N GLY A 211 12.24 -12.26 -12.89
CA GLY A 211 12.32 -12.71 -11.51
C GLY A 211 11.59 -14.01 -11.23
N GLY A 212 11.24 -14.76 -12.27
CA GLY A 212 10.61 -16.04 -12.13
C GLY A 212 11.53 -17.20 -12.50
N GLY A 213 10.93 -18.36 -12.68
CA GLY A 213 11.75 -19.55 -12.94
C GLY A 213 12.32 -20.14 -11.66
N ASP A 214 13.06 -21.25 -11.77
CA ASP A 214 13.57 -21.92 -10.56
C ASP A 214 14.95 -21.39 -10.19
N HIS A 215 15.63 -20.76 -11.14
CA HIS A 215 16.98 -20.18 -10.92
C HIS A 215 17.15 -18.86 -11.66
N PRO A 216 18.08 -17.98 -11.23
CA PRO A 216 18.32 -16.71 -11.87
C PRO A 216 18.96 -16.89 -13.26
N PRO A 217 18.85 -15.93 -14.17
CA PRO A 217 19.46 -16.07 -15.50
C PRO A 217 20.99 -15.96 -15.39
N SER B 2 -3.88 26.48 9.28
CA SER B 2 -4.65 25.34 8.83
C SER B 2 -3.74 24.42 8.01
N PRO B 3 -3.91 23.11 8.16
CA PRO B 3 -3.13 22.19 7.33
C PRO B 3 -3.50 22.36 5.86
N ILE B 4 -2.50 22.17 5.00
CA ILE B 4 -2.69 22.27 3.56
C ILE B 4 -2.69 20.86 2.97
N LEU B 5 -3.71 20.55 2.18
CA LEU B 5 -3.78 19.30 1.43
C LEU B 5 -3.63 19.64 -0.05
N GLY B 6 -2.58 19.15 -0.69
CA GLY B 6 -2.32 19.43 -2.09
C GLY B 6 -2.55 18.19 -2.95
N TYR B 7 -3.30 18.35 -4.03
CA TYR B 7 -3.59 17.24 -4.97
C TYR B 7 -4.21 17.84 -6.22
N TRP B 8 -4.39 17.00 -7.24
CA TRP B 8 -5.15 17.34 -8.44
C TRP B 8 -6.61 17.53 -8.07
N LYS B 9 -7.35 18.24 -8.90
CA LYS B 9 -8.79 18.40 -8.65
C LYS B 9 -9.54 17.16 -9.17
N ILE B 10 -9.24 16.01 -8.58
CA ILE B 10 -9.85 14.70 -8.91
C ILE B 10 -10.07 13.93 -7.60
N LYS B 11 -10.76 12.80 -7.68
CA LYS B 11 -10.92 11.95 -6.48
C LYS B 11 -9.57 11.27 -6.26
N GLY B 12 -9.25 10.30 -7.09
CA GLY B 12 -7.93 9.65 -7.02
C GLY B 12 -7.56 9.12 -5.64
N LEU B 13 -6.28 9.24 -5.32
CA LEU B 13 -5.72 8.67 -4.08
C LEU B 13 -6.16 9.42 -2.83
N VAL B 14 -6.64 10.64 -2.98
CA VAL B 14 -6.87 11.48 -1.77
C VAL B 14 -8.35 11.52 -1.33
N GLN B 15 -9.28 10.97 -2.08
CA GLN B 15 -10.71 11.06 -1.70
C GLN B 15 -10.97 10.50 -0.30
N PRO B 16 -10.44 9.33 0.09
CA PRO B 16 -10.71 8.86 1.45
C PRO B 16 -10.23 9.85 2.50
N THR B 17 -9.10 10.50 2.25
CA THR B 17 -8.58 11.50 3.18
C THR B 17 -9.53 12.69 3.30
N ARG B 18 -10.11 13.12 2.18
CA ARG B 18 -11.10 14.21 2.25
C ARG B 18 -12.31 13.80 3.09
N LEU B 19 -12.82 12.59 2.86
CA LEU B 19 -13.96 12.09 3.62
C LEU B 19 -13.63 12.05 5.11
N LEU B 20 -12.43 11.58 5.47
CA LEU B 20 -12.05 11.51 6.88
C LEU B 20 -12.00 12.90 7.49
N LEU B 21 -11.35 13.84 6.82
CA LEU B 21 -11.29 15.22 7.33
C LEU B 21 -12.69 15.82 7.50
N GLU B 22 -13.61 15.55 6.57
CA GLU B 22 -14.96 16.07 6.70
C GLU B 22 -15.73 15.39 7.83
N TYR B 23 -15.50 14.09 8.04
CA TYR B 23 -16.12 13.41 9.17
C TYR B 23 -15.64 14.02 10.49
N LEU B 24 -14.36 14.36 10.57
CA LEU B 24 -13.79 14.96 11.78
C LEU B 24 -14.12 16.44 11.91
N GLU B 25 -14.67 17.05 10.86
CA GLU B 25 -14.94 18.49 10.82
C GLU B 25 -13.67 19.29 11.10
N GLU B 26 -12.55 18.79 10.57
CA GLU B 26 -11.27 19.48 10.65
C GLU B 26 -11.20 20.56 9.58
N LYS B 27 -10.80 21.75 9.98
CA LYS B 27 -10.57 22.80 9.00
C LYS B 27 -9.27 22.51 8.26
N TYR B 28 -9.31 22.57 6.94
CA TYR B 28 -8.09 22.42 6.16
C TYR B 28 -8.16 23.29 4.93
N GLU B 29 -6.99 23.62 4.40
CA GLU B 29 -6.83 24.42 3.20
C GLU B 29 -6.48 23.48 2.05
N GLU B 30 -7.40 23.34 1.09
CA GLU B 30 -7.16 22.48 -0.05
C GLU B 30 -6.52 23.29 -1.18
N HIS B 31 -5.30 22.91 -1.57
CA HIS B 31 -4.59 23.50 -2.69
C HIS B 31 -4.67 22.53 -3.89
N LEU B 32 -5.50 22.88 -4.86
CA LEU B 32 -5.83 21.97 -5.95
C LEU B 32 -5.17 22.37 -7.25
N TYR B 33 -4.69 21.38 -7.99
CA TYR B 33 -4.07 21.54 -9.33
C TYR B 33 -5.07 21.07 -10.38
N GLU B 34 -5.31 21.93 -11.37
CA GLU B 34 -6.29 21.62 -12.42
C GLU B 34 -5.63 20.88 -13.57
N ARG B 35 -6.45 20.41 -14.50
CA ARG B 35 -5.99 19.58 -15.63
C ARG B 35 -4.82 20.21 -16.37
N ASP B 36 -4.82 21.52 -16.51
CA ASP B 36 -3.78 22.21 -17.30
C ASP B 36 -2.73 22.85 -16.41
N GLU B 37 -2.67 22.46 -15.13
CA GLU B 37 -1.70 23.09 -14.20
C GLU B 37 -0.54 22.14 -13.86
N GLY B 38 -0.25 21.18 -14.72
CA GLY B 38 0.89 20.28 -14.46
C GLY B 38 2.19 21.04 -14.33
N ASP B 39 2.31 22.16 -15.06
CA ASP B 39 3.55 22.98 -15.01
C ASP B 39 3.64 23.69 -13.68
N LYS B 40 2.52 24.17 -13.16
CA LYS B 40 2.52 24.85 -11.85
C LYS B 40 3.03 23.85 -10.80
N TRP B 41 2.57 22.61 -10.88
CA TRP B 41 3.02 21.58 -9.90
C TRP B 41 4.53 21.36 -10.05
N ARG B 42 5.00 21.16 -11.28
CA ARG B 42 6.44 20.91 -11.57
C ARG B 42 7.33 22.04 -11.04
N ASN B 43 6.87 23.28 -11.07
CA ASN B 43 7.63 24.44 -10.56
C ASN B 43 7.48 24.57 -9.05
N LYS B 44 6.65 23.77 -8.40
CA LYS B 44 6.50 23.90 -6.93
C LYS B 44 6.95 22.62 -6.24
N LYS B 45 7.15 21.55 -7.01
CA LYS B 45 7.34 20.20 -6.47
C LYS B 45 8.55 20.09 -5.57
N PHE B 46 9.67 20.72 -5.94
CA PHE B 46 10.89 20.67 -5.16
C PHE B 46 11.10 21.94 -4.33
N GLU B 47 10.05 22.75 -4.18
CA GLU B 47 10.15 24.02 -3.47
C GLU B 47 9.29 24.05 -2.21
N LEU B 48 8.77 22.90 -1.78
CA LEU B 48 7.86 22.84 -0.64
C LEU B 48 8.48 22.24 0.62
N GLY B 49 9.73 21.79 0.55
CA GLY B 49 10.34 21.15 1.71
C GLY B 49 9.96 19.70 1.89
N LEU B 50 9.42 19.07 0.85
CA LEU B 50 9.05 17.67 0.93
C LEU B 50 10.28 16.80 0.70
N GLU B 51 10.44 15.80 1.56
CA GLU B 51 11.59 14.87 1.46
C GLU B 51 11.36 13.87 0.33
N PHE B 52 10.10 13.52 0.08
CA PHE B 52 9.75 12.59 -1.01
C PHE B 52 8.68 13.27 -1.86
N PRO B 53 9.04 14.30 -2.65
CA PRO B 53 8.08 15.11 -3.38
C PRO B 53 7.12 14.28 -4.22
N ASN B 54 5.83 14.55 -4.07
CA ASN B 54 4.78 13.78 -4.73
C ASN B 54 3.44 14.48 -4.48
N LEU B 55 2.41 14.01 -5.19
CA LEU B 55 1.03 14.34 -4.89
C LEU B 55 0.27 13.08 -4.50
N PRO B 56 -0.52 13.11 -3.42
CA PRO B 56 -0.79 14.28 -2.57
C PRO B 56 0.30 14.62 -1.60
N TYR B 57 0.25 15.84 -1.08
CA TYR B 57 1.09 16.21 0.03
C TYR B 57 0.22 16.82 1.11
N TYR B 58 0.76 16.83 2.32
CA TYR B 58 0.06 17.35 3.49
C TYR B 58 1.05 18.13 4.32
N ILE B 59 0.77 19.41 4.55
CA ILE B 59 1.68 20.30 5.27
C ILE B 59 0.92 20.93 6.42
N ASP B 60 1.45 20.77 7.63
CA ASP B 60 0.77 21.38 8.79
C ASP B 60 1.75 22.12 9.71
N GLY B 61 2.96 22.44 9.27
CA GLY B 61 3.87 23.14 10.18
C GLY B 61 4.74 22.15 10.96
N ASP B 62 4.09 21.28 11.74
CA ASP B 62 4.74 20.15 12.44
C ASP B 62 5.29 19.16 11.40
N VAL B 63 4.53 18.88 10.34
CA VAL B 63 4.98 17.85 9.36
C VAL B 63 4.80 18.31 7.92
N LYS B 64 5.60 17.71 7.06
CA LYS B 64 5.45 17.85 5.60
C LYS B 64 5.44 16.43 5.05
N LEU B 65 4.26 15.96 4.66
CA LEU B 65 4.09 14.56 4.32
C LEU B 65 3.75 14.38 2.85
N THR B 66 4.25 13.31 2.28
CA THR B 66 3.71 12.72 1.07
C THR B 66 3.37 11.27 1.36
N GLN B 67 2.81 10.61 0.34
CA GLN B 67 2.26 9.24 0.36
C GLN B 67 0.86 9.26 0.94
N SER B 68 -0.13 8.91 0.11
CA SER B 68 -1.53 9.06 0.50
C SER B 68 -1.86 8.25 1.75
N MET B 69 -1.26 7.07 1.89
CA MET B 69 -1.56 6.27 3.08
C MET B 69 -0.89 6.85 4.33
N ALA B 70 0.29 7.44 4.18
CA ALA B 70 0.91 8.12 5.33
C ALA B 70 0.05 9.28 5.80
N ILE B 71 -0.54 10.00 4.85
CA ILE B 71 -1.34 11.17 5.20
C ILE B 71 -2.62 10.76 5.91
N ILE B 72 -3.35 9.79 5.36
CA ILE B 72 -4.63 9.40 6.01
C ILE B 72 -4.35 8.82 7.40
N ARG B 73 -3.25 8.10 7.55
N ARG B 73 -3.25 8.10 7.55
CA ARG B 73 -2.92 7.50 8.86
CA ARG B 73 -2.91 7.49 8.86
C ARG B 73 -2.52 8.61 9.82
C ARG B 73 -2.53 8.61 9.83
N TYR B 74 -1.83 9.64 9.33
CA TYR B 74 -1.42 10.76 10.21
C TYR B 74 -2.66 11.47 10.76
N ILE B 75 -3.60 11.79 9.88
CA ILE B 75 -4.81 12.44 10.32
C ILE B 75 -5.57 11.56 11.30
N ALA B 76 -5.67 10.26 11.01
CA ALA B 76 -6.33 9.35 11.95
C ALA B 76 -5.58 9.28 13.27
N ASP B 77 -4.25 9.21 13.22
CA ASP B 77 -3.40 9.13 14.41
C ASP B 77 -3.57 10.36 15.31
N LYS B 78 -3.55 11.56 14.71
CA LYS B 78 -3.77 12.80 15.47
C LYS B 78 -5.12 12.85 16.14
N HIS B 79 -6.09 12.09 15.65
CA HIS B 79 -7.41 11.99 16.27
C HIS B 79 -7.60 10.68 17.02
N ASN B 80 -6.51 9.95 17.27
CA ASN B 80 -6.55 8.78 18.15
C ASN B 80 -7.40 7.66 17.56
N MET B 81 -7.31 7.46 16.24
CA MET B 81 -8.16 6.48 15.56
C MET B 81 -7.41 5.26 14.98
N LEU B 82 -6.10 5.17 15.11
CA LEU B 82 -5.35 4.08 14.49
C LEU B 82 -5.45 2.75 15.23
N GLY B 83 -5.90 2.77 16.49
CA GLY B 83 -6.08 1.55 17.26
C GLY B 83 -5.31 1.62 18.58
N GLY B 84 -5.85 0.94 19.59
CA GLY B 84 -5.34 1.03 20.95
C GLY B 84 -4.26 0.06 21.33
N CYS B 85 -4.07 -0.99 20.55
CA CYS B 85 -2.94 -1.92 20.83
C CYS B 85 -2.46 -2.52 19.52
N PRO B 86 -1.32 -3.23 19.48
CA PRO B 86 -0.85 -3.85 18.24
C PRO B 86 -1.90 -4.68 17.50
N LYS B 87 -2.67 -5.48 18.23
CA LYS B 87 -3.73 -6.30 17.62
C LYS B 87 -4.75 -5.42 16.91
N GLU B 88 -5.25 -4.38 17.56
CA GLU B 88 -6.29 -3.54 16.91
C GLU B 88 -5.68 -2.72 15.76
N ARG B 89 -4.48 -2.21 15.97
CA ARG B 89 -3.80 -1.48 14.90
C ARG B 89 -3.55 -2.37 13.70
N ALA B 90 -3.23 -3.64 13.93
CA ALA B 90 -3.00 -4.57 12.82
C ALA B 90 -4.30 -4.89 12.10
N GLU B 91 -5.39 -5.00 12.84
CA GLU B 91 -6.70 -5.26 12.18
C GLU B 91 -7.02 -4.10 11.26
N ILE B 92 -6.76 -2.88 11.72
CA ILE B 92 -7.03 -1.71 10.89
C ILE B 92 -6.13 -1.69 9.65
N SER B 93 -4.84 -2.03 9.82
CA SER B 93 -3.95 -2.13 8.65
C SER B 93 -4.36 -3.25 7.71
N MET B 94 -4.87 -4.36 8.23
CA MET B 94 -5.35 -5.43 7.35
C MET B 94 -6.55 -4.97 6.53
N LEU B 95 -7.48 -4.27 7.17
CA LEU B 95 -8.61 -3.69 6.45
C LEU B 95 -8.14 -2.74 5.36
N GLU B 96 -7.17 -1.87 5.69
CA GLU B 96 -6.56 -0.97 4.72
C GLU B 96 -6.11 -1.72 3.48
N GLY B 97 -5.31 -2.76 3.69
CA GLY B 97 -4.70 -3.45 2.57
C GLY B 97 -5.72 -4.16 1.73
N ALA B 98 -6.75 -4.73 2.37
CA ALA B 98 -7.78 -5.40 1.61
C ALA B 98 -8.58 -4.40 0.78
N VAL B 99 -8.77 -3.18 1.29
CA VAL B 99 -9.43 -2.18 0.44
C VAL B 99 -8.52 -1.79 -0.71
N LEU B 100 -7.22 -1.62 -0.45
CA LEU B 100 -6.32 -1.21 -1.52
C LEU B 100 -6.24 -2.25 -2.63
N ASP B 101 -6.45 -3.53 -2.31
CA ASP B 101 -6.52 -4.56 -3.37
C ASP B 101 -7.61 -4.21 -4.38
N ILE B 102 -8.76 -3.73 -3.90
CA ILE B 102 -9.84 -3.35 -4.81
C ILE B 102 -9.49 -2.04 -5.52
N ARG B 103 -9.06 -1.02 -4.76
CA ARG B 103 -8.92 0.31 -5.34
C ARG B 103 -7.77 0.34 -6.36
N TYR B 104 -6.66 -0.34 -6.07
CA TYR B 104 -5.57 -0.42 -7.04
C TYR B 104 -5.92 -1.36 -8.17
N GLY B 105 -6.80 -2.33 -7.93
CA GLY B 105 -7.28 -3.14 -9.03
C GLY B 105 -7.92 -2.30 -10.11
N VAL B 106 -8.58 -1.23 -9.72
CA VAL B 106 -9.17 -0.31 -10.69
C VAL B 106 -8.09 0.56 -11.33
N SER B 107 -7.26 1.20 -10.51
N SER B 107 -7.24 1.20 -10.52
CA SER B 107 -6.29 2.15 -11.04
CA SER B 107 -6.32 2.17 -11.09
C SER B 107 -5.27 1.49 -11.95
C SER B 107 -5.25 1.51 -11.94
N ARG B 108 -4.94 0.23 -11.69
CA ARG B 108 -3.97 -0.50 -12.51
C ARG B 108 -4.41 -0.60 -13.95
N ILE B 109 -5.73 -0.61 -14.21
CA ILE B 109 -6.24 -0.83 -15.55
C ILE B 109 -6.92 0.39 -16.13
N ALA B 110 -7.04 1.48 -15.38
CA ALA B 110 -7.90 2.58 -15.83
C ALA B 110 -7.25 3.43 -16.90
N TYR B 111 -5.93 3.36 -17.07
CA TYR B 111 -5.22 4.15 -18.06
C TYR B 111 -4.88 3.32 -19.30
N SER B 112 -5.20 2.03 -19.29
CA SER B 112 -4.94 1.16 -20.43
C SER B 112 -5.96 1.39 -21.53
N LYS B 113 -5.48 1.43 -22.77
CA LYS B 113 -6.41 1.47 -23.90
C LYS B 113 -7.24 0.19 -23.97
N ASP B 114 -6.71 -0.90 -23.41
CA ASP B 114 -7.38 -2.20 -23.30
C ASP B 114 -8.40 -2.27 -22.15
N PHE B 115 -8.90 -1.13 -21.66
CA PHE B 115 -9.66 -1.13 -20.42
C PHE B 115 -10.92 -1.96 -20.52
N GLU B 116 -11.69 -1.76 -21.60
CA GLU B 116 -12.96 -2.50 -21.71
C GLU B 116 -12.81 -4.01 -21.61
N THR B 117 -11.68 -4.57 -22.02
CA THR B 117 -11.47 -6.03 -21.81
C THR B 117 -10.94 -6.29 -20.39
N LEU B 118 -10.00 -5.48 -19.92
CA LEU B 118 -9.43 -5.62 -18.55
C LEU B 118 -10.53 -5.47 -17.49
N LYS B 119 -11.51 -4.57 -17.67
CA LYS B 119 -12.65 -4.41 -16.78
C LYS B 119 -13.38 -5.75 -16.59
N VAL B 120 -13.54 -6.52 -17.67
CA VAL B 120 -14.24 -7.80 -17.55
C VAL B 120 -13.52 -8.71 -16.57
N ASP B 121 -12.19 -8.81 -16.68
CA ASP B 121 -11.45 -9.66 -15.78
C ASP B 121 -11.52 -9.14 -14.34
N PHE B 122 -11.40 -7.83 -14.17
CA PHE B 122 -11.48 -7.27 -12.81
C PHE B 122 -12.84 -7.54 -12.20
N LEU B 123 -13.92 -7.35 -12.96
CA LEU B 123 -15.25 -7.57 -12.41
C LEU B 123 -15.50 -9.05 -12.13
N SER B 124 -14.80 -9.95 -12.81
CA SER B 124 -14.98 -11.36 -12.50
C SER B 124 -14.30 -11.74 -11.20
N LYS B 125 -13.21 -11.05 -10.83
CA LYS B 125 -12.50 -11.30 -9.58
C LYS B 125 -13.05 -10.48 -8.42
N LEU B 126 -13.71 -9.37 -8.70
CA LEU B 126 -14.22 -8.52 -7.64
C LEU B 126 -15.14 -9.22 -6.64
N PRO B 127 -16.08 -10.11 -7.05
CA PRO B 127 -16.99 -10.68 -6.05
C PRO B 127 -16.30 -11.39 -4.91
N GLU B 128 -15.20 -12.10 -5.20
CA GLU B 128 -14.49 -12.81 -4.15
C GLU B 128 -13.90 -11.84 -3.13
N MET B 129 -13.48 -10.67 -3.58
CA MET B 129 -12.97 -9.66 -2.66
C MET B 129 -14.11 -9.04 -1.86
N LEU B 130 -15.22 -8.72 -2.54
CA LEU B 130 -16.33 -8.07 -1.86
C LEU B 130 -16.94 -8.99 -0.80
N LYS B 131 -16.96 -10.28 -1.06
CA LYS B 131 -17.53 -11.25 -0.11
C LYS B 131 -16.83 -11.18 1.25
N MET B 132 -15.53 -10.92 1.25
CA MET B 132 -14.80 -10.87 2.53
C MET B 132 -15.28 -9.67 3.35
N PHE B 133 -15.59 -8.56 2.69
CA PHE B 133 -16.11 -7.38 3.43
C PHE B 133 -17.56 -7.62 3.82
N GLU B 134 -18.32 -8.30 2.96
CA GLU B 134 -19.73 -8.58 3.28
C GLU B 134 -19.75 -9.41 4.56
N ASP B 135 -18.88 -10.40 4.64
CA ASP B 135 -18.81 -11.29 5.81
C ASP B 135 -18.38 -10.48 7.02
N ARG B 136 -17.39 -9.61 6.85
CA ARG B 136 -16.90 -8.80 7.95
C ARG B 136 -18.01 -7.93 8.52
N LEU B 137 -18.93 -7.49 7.66
CA LEU B 137 -20.03 -6.57 8.06
C LEU B 137 -21.27 -7.33 8.53
N CYS B 138 -21.21 -8.66 8.58
CA CYS B 138 -22.40 -9.42 9.03
C CYS B 138 -22.52 -9.33 10.56
N HIS B 139 -21.41 -9.07 11.26
CA HIS B 139 -21.46 -8.96 12.74
C HIS B 139 -21.01 -7.58 13.22
N LYS B 140 -20.61 -6.69 12.32
CA LYS B 140 -20.10 -5.36 12.76
C LYS B 140 -20.79 -4.23 12.00
N THR B 141 -21.02 -3.12 12.66
CA THR B 141 -21.66 -1.98 12.01
C THR B 141 -20.74 -1.36 10.97
N TYR B 142 -19.52 -1.01 11.37
CA TYR B 142 -18.47 -0.51 10.49
C TYR B 142 -17.36 -1.55 10.46
N LEU B 143 -16.30 -1.28 9.67
CA LEU B 143 -15.31 -2.32 9.44
C LEU B 143 -14.61 -2.75 10.73
N ASN B 144 -14.45 -1.83 11.67
CA ASN B 144 -13.74 -2.14 12.91
C ASN B 144 -14.67 -2.25 14.10
N GLY B 145 -15.98 -2.28 13.89
CA GLY B 145 -16.94 -2.42 14.97
C GLY B 145 -17.94 -1.28 14.97
N ASP B 146 -18.19 -0.71 16.14
CA ASP B 146 -19.26 0.27 16.23
C ASP B 146 -18.80 1.70 15.98
N HIS B 147 -17.50 1.95 15.85
CA HIS B 147 -17.02 3.29 15.54
C HIS B 147 -16.32 3.30 14.19
N VAL B 148 -16.40 4.46 13.56
CA VAL B 148 -15.81 4.68 12.21
C VAL B 148 -14.29 4.73 12.31
N THR B 149 -13.62 4.12 11.35
CA THR B 149 -12.15 4.20 11.22
C THR B 149 -11.82 4.62 9.78
N HIS B 150 -10.58 4.97 9.52
CA HIS B 150 -10.22 5.45 8.16
C HIS B 150 -10.46 4.41 7.08
N PRO B 151 -10.31 3.08 7.30
CA PRO B 151 -10.65 2.10 6.28
C PRO B 151 -12.11 2.14 5.81
N ASP B 152 -13.03 2.57 6.66
CA ASP B 152 -14.43 2.71 6.22
C ASP B 152 -14.50 3.74 5.10
N PHE B 153 -13.76 4.83 5.20
CA PHE B 153 -13.84 5.81 4.12
C PHE B 153 -13.08 5.32 2.89
N MET B 154 -12.03 4.52 3.10
CA MET B 154 -11.36 3.90 1.97
C MET B 154 -12.31 2.95 1.26
N LEU B 155 -13.05 2.12 2.00
CA LEU B 155 -13.98 1.19 1.35
C LEU B 155 -15.11 1.95 0.67
N TYR B 156 -15.61 3.02 1.30
CA TYR B 156 -16.66 3.82 0.66
C TYR B 156 -16.19 4.32 -0.70
N ASP B 157 -14.99 4.89 -0.75
CA ASP B 157 -14.41 5.37 -2.00
C ASP B 157 -14.32 4.25 -3.02
N ALA B 158 -13.86 3.06 -2.60
CA ALA B 158 -13.73 1.95 -3.55
C ALA B 158 -15.08 1.52 -4.08
N LEU B 159 -16.11 1.49 -3.22
CA LEU B 159 -17.44 1.11 -3.66
C LEU B 159 -18.02 2.14 -4.63
N ASP B 160 -17.81 3.43 -4.33
CA ASP B 160 -18.24 4.49 -5.25
C ASP B 160 -17.64 4.27 -6.63
N VAL B 161 -16.36 3.89 -6.68
CA VAL B 161 -15.65 3.78 -7.95
C VAL B 161 -16.07 2.55 -8.73
N VAL B 162 -16.21 1.39 -8.06
CA VAL B 162 -16.59 0.20 -8.83
C VAL B 162 -18.03 0.27 -9.30
N LEU B 163 -18.88 1.04 -8.63
CA LEU B 163 -20.25 1.21 -9.10
C LEU B 163 -20.32 2.01 -10.39
N TYR B 164 -19.35 2.88 -10.64
CA TYR B 164 -19.28 3.51 -11.96
C TYR B 164 -18.88 2.51 -13.02
N MET B 165 -18.04 1.55 -12.64
CA MET B 165 -17.62 0.53 -13.60
C MET B 165 -18.77 -0.44 -13.90
N ASP B 166 -19.53 -0.85 -12.87
CA ASP B 166 -20.69 -1.71 -13.07
C ASP B 166 -21.72 -1.37 -12.00
N PRO B 167 -22.81 -0.68 -12.37
CA PRO B 167 -23.82 -0.33 -11.36
C PRO B 167 -24.47 -1.52 -10.68
N MET B 168 -24.31 -2.73 -11.22
CA MET B 168 -24.89 -3.92 -10.64
C MET B 168 -23.92 -4.71 -9.78
N CYS B 169 -22.69 -4.25 -9.59
CA CYS B 169 -21.75 -5.17 -8.96
C CYS B 169 -21.99 -5.35 -7.47
N LEU B 170 -22.88 -4.56 -6.85
CA LEU B 170 -23.18 -4.74 -5.43
C LEU B 170 -24.52 -5.44 -5.20
N ASP B 171 -25.22 -5.87 -6.24
CA ASP B 171 -26.55 -6.45 -6.07
C ASP B 171 -26.53 -7.72 -5.22
N ALA B 172 -25.44 -8.49 -5.29
CA ALA B 172 -25.34 -9.74 -4.53
C ALA B 172 -24.80 -9.52 -3.12
N PHE B 173 -24.56 -8.25 -2.75
CA PHE B 173 -23.92 -7.90 -1.47
C PHE B 173 -24.74 -6.86 -0.72
N PRO B 174 -25.89 -7.25 -0.16
CA PRO B 174 -26.75 -6.31 0.54
C PRO B 174 -26.10 -5.59 1.73
N LYS B 175 -25.18 -6.24 2.43
CA LYS B 175 -24.53 -5.57 3.59
C LYS B 175 -23.63 -4.44 3.10
N LEU B 176 -23.03 -4.60 1.92
CA LEU B 176 -22.18 -3.53 1.36
C LEU B 176 -23.06 -2.39 0.87
N VAL B 177 -24.23 -2.70 0.32
CA VAL B 177 -25.18 -1.64 -0.11
C VAL B 177 -25.64 -0.90 1.16
N CYS B 178 -25.89 -1.56 2.18
N CYS B 178 -25.92 -1.56 2.18
CA CYS B 178 -26.26 -0.92 3.44
CA CYS B 178 -26.23 -0.87 3.43
C CYS B 178 -25.10 -0.09 3.99
C CYS B 178 -25.07 -0.03 3.90
N PHE B 179 -23.88 -0.64 3.98
CA PHE B 179 -22.72 0.08 4.48
C PHE B 179 -22.52 1.39 3.72
N LYS B 180 -22.65 1.35 2.40
CA LYS B 180 -22.46 2.55 1.61
C LYS B 180 -23.49 3.62 1.96
N LYS B 181 -24.75 3.21 2.11
CA LYS B 181 -25.80 4.16 2.52
C LYS B 181 -25.57 4.63 3.94
N ARG B 182 -25.04 3.78 4.82
CA ARG B 182 -24.76 4.20 6.19
C ARG B 182 -23.69 5.31 6.22
N ILE B 183 -22.60 5.16 5.46
CA ILE B 183 -21.60 6.21 5.42
C ILE B 183 -22.22 7.51 4.91
N GLU B 184 -23.04 7.40 3.86
CA GLU B 184 -23.70 8.58 3.31
C GLU B 184 -24.67 9.23 4.29
N ALA B 185 -25.12 8.49 5.30
CA ALA B 185 -26.10 9.02 6.24
C ALA B 185 -25.47 9.67 7.47
N ILE B 186 -24.16 9.53 7.64
CA ILE B 186 -23.44 10.27 8.67
C ILE B 186 -23.64 11.75 8.39
N PRO B 187 -24.14 12.54 9.35
CA PRO B 187 -24.53 13.92 9.01
C PRO B 187 -23.43 14.76 8.35
N GLN B 188 -22.18 14.71 8.84
CA GLN B 188 -21.09 15.48 8.22
C GLN B 188 -20.86 15.07 6.79
N ILE B 189 -20.95 13.76 6.51
CA ILE B 189 -20.72 13.24 5.17
C ILE B 189 -21.87 13.63 4.25
N ASP B 190 -23.11 13.47 4.72
CA ASP B 190 -24.26 13.83 3.91
C ASP B 190 -24.16 15.29 3.45
N LYS B 191 -23.82 16.20 4.36
CA LYS B 191 -23.72 17.60 3.98
C LYS B 191 -22.58 17.83 2.99
N TYR B 192 -21.45 17.16 3.22
CA TYR B 192 -20.31 17.29 2.33
C TYR B 192 -20.63 16.81 0.92
N LEU B 193 -21.27 15.63 0.81
CA LEU B 193 -21.51 15.05 -0.51
C LEU B 193 -22.52 15.86 -1.31
N LYS B 194 -23.43 16.56 -0.63
CA LYS B 194 -24.41 17.39 -1.30
C LYS B 194 -23.90 18.79 -1.61
N SER B 195 -22.71 19.13 -1.14
CA SER B 195 -22.15 20.47 -1.20
C SER B 195 -21.25 20.68 -2.42
N SER B 196 -21.00 21.95 -2.71
CA SER B 196 -20.12 22.31 -3.82
C SER B 196 -18.65 21.99 -3.52
N LYS B 197 -18.34 21.62 -2.28
CA LYS B 197 -16.96 21.27 -1.95
C LYS B 197 -16.59 19.89 -2.46
N TYR B 198 -17.58 19.02 -2.62
CA TYR B 198 -17.36 17.67 -3.08
C TYR B 198 -16.90 17.66 -4.54
N ILE B 199 -15.86 16.87 -4.84
CA ILE B 199 -15.39 16.66 -6.20
C ILE B 199 -15.95 15.32 -6.65
N ALA B 200 -16.95 15.34 -7.50
CA ALA B 200 -17.60 14.07 -7.92
C ALA B 200 -16.86 13.38 -9.06
N TRP B 201 -16.08 14.11 -9.83
CA TRP B 201 -15.45 13.58 -11.05
C TRP B 201 -14.25 14.46 -11.41
N PRO B 202 -13.16 13.97 -12.01
CA PRO B 202 -12.94 12.55 -12.30
C PRO B 202 -12.56 11.63 -11.15
N LEU B 203 -12.62 10.33 -11.41
CA LEU B 203 -12.26 9.31 -10.40
C LEU B 203 -10.74 9.08 -10.44
N GLN B 204 -10.19 9.10 -11.64
CA GLN B 204 -8.76 8.97 -11.88
C GLN B 204 -8.30 10.28 -12.52
N GLY B 205 -7.06 10.30 -12.99
CA GLY B 205 -6.62 11.44 -13.78
C GLY B 205 -7.47 11.62 -15.02
N TRP B 206 -7.60 12.86 -15.48
CA TRP B 206 -8.44 13.24 -16.64
C TRP B 206 -8.11 12.44 -17.90
N GLN B 207 -6.87 12.01 -18.03
CA GLN B 207 -6.40 11.28 -19.23
C GLN B 207 -6.75 9.79 -19.15
N ALA B 208 -7.30 9.32 -18.04
CA ALA B 208 -7.63 7.88 -17.89
C ALA B 208 -8.74 7.47 -18.86
N THR B 209 -8.65 6.21 -19.30
CA THR B 209 -9.71 5.65 -20.14
C THR B 209 -10.97 5.40 -19.33
N PHE B 210 -10.84 4.91 -18.10
CA PHE B 210 -11.95 4.75 -17.18
C PHE B 210 -11.84 5.82 -16.12
N GLY B 211 -12.95 6.50 -15.86
CA GLY B 211 -12.99 7.47 -14.77
C GLY B 211 -12.26 8.75 -15.05
N GLY B 212 -11.96 9.04 -16.33
CA GLY B 212 -11.33 10.27 -16.73
C GLY B 212 -12.30 11.22 -17.41
N GLY B 213 -11.76 12.20 -18.11
CA GLY B 213 -12.64 13.17 -18.78
C GLY B 213 -13.22 14.22 -17.86
N ASP B 214 -14.07 15.09 -18.38
CA ASP B 214 -14.59 16.17 -17.53
C ASP B 214 -15.94 15.79 -16.94
N HIS B 215 -16.56 14.77 -17.44
CA HIS B 215 -17.89 14.40 -16.94
C HIS B 215 -18.08 12.89 -16.95
N PRO B 216 -18.87 12.32 -16.04
CA PRO B 216 -19.13 10.90 -16.00
C PRO B 216 -19.92 10.48 -17.24
N PRO B 217 -19.72 9.26 -17.79
CA PRO B 217 -20.48 8.81 -18.96
C PRO B 217 -21.71 8.00 -18.57
N1 GSH C . -2.25 -6.76 -0.91
CA1 GSH C . -1.99 -8.15 -0.56
C1 GSH C . -0.77 -8.22 0.36
O11 GSH C . -0.59 -9.23 1.10
O12 GSH C . 0.06 -7.27 0.36
CB1 GSH C . -1.72 -8.94 -1.83
CG1 GSH C . -1.71 -10.44 -1.57
CD1 GSH C . -1.50 -11.26 -2.84
OE1 GSH C . -1.75 -10.81 -3.91
N2 GSH C . -1.01 -12.61 -2.67
CA2 GSH C . -0.76 -13.48 -3.81
C2 GSH C . -1.49 -14.79 -3.58
O2 GSH C . -1.06 -15.79 -4.05
CB2 GSH C . 0.74 -13.88 -3.78
SG2 GSH C . 1.87 -12.47 -3.97
N3 GSH C . -2.68 -14.86 -2.78
CA3 GSH C . -3.29 -16.17 -2.59
C3 GSH C . -4.80 -16.14 -2.87
O31 GSH C . -5.51 -17.13 -2.55
O32 GSH C . -5.32 -15.13 -3.42
NA NA D . 13.09 -22.89 -14.75
CL CL E . 10.81 -22.24 -15.35
N1 GSH F . 2.34 5.87 -3.73
CA1 GSH F . 2.07 7.30 -3.90
C1 GSH F . 0.91 7.73 -2.98
O11 GSH F . 0.08 6.89 -2.57
O12 GSH F . 0.77 8.93 -2.63
CB1 GSH F . 1.68 7.53 -5.36
CG1 GSH F . 1.65 9.02 -5.70
CD1 GSH F . 1.28 9.28 -7.17
OE1 GSH F . 1.40 8.44 -8.01
N2 GSH F . 0.78 10.58 -7.51
CA2 GSH F . 0.41 10.92 -8.88
C2 GSH F . 1.18 12.18 -9.20
O2 GSH F . 0.76 12.94 -10.00
CB2 GSH F . -1.08 11.30 -8.90
SG2 GSH F . -2.15 9.91 -8.41
N3 GSH F . 2.43 12.46 -8.53
CA3 GSH F . 3.13 13.70 -8.84
C3 GSH F . 4.61 13.51 -9.15
O31 GSH F . 5.13 12.37 -9.13
O32 GSH F . 5.30 14.53 -9.42
C1 REF G . 0.37 -0.30 -3.61
C2 REF G . 0.08 -0.80 -4.88
C3 REF G . -0.78 -1.90 -5.03
C4 REF G . -1.39 -2.48 -3.85
O5 REF G . -1.18 -1.97 -2.54
C6 REF G . -0.29 -0.93 -2.38
C7 REF G . -1.01 -2.42 -6.30
C8 REF G . -1.89 -3.59 -6.41
C9 REF G . -2.50 -4.16 -5.25
C10 REF G . -2.25 -3.60 -3.95
C11 REF G . 0.68 -0.22 -6.05
O12 REF G . 0.45 -0.69 -7.34
C13 REF G . -0.34 -1.79 -7.50
C14 REF G . 1.25 0.82 -3.50
C15 REF G . 1.85 1.38 -4.69
C16 REF G . 1.56 0.85 -5.98
O19 REF G . -2.83 -4.14 -2.83
O20 REF G . -3.35 -5.27 -5.34
O21 REF G . -0.48 -2.23 -8.59
O22 REF G . 2.08 1.36 -7.16
O23 REF G . 2.72 2.47 -4.59
O24 REF G . 0.01 -0.51 -1.31
NA NA H . -13.54 14.71 -22.11
CL CL I . -11.32 14.57 -22.53
#